data_5L1K
#
_entry.id   5L1K
#
_cell.length_a   98.459
_cell.length_b   98.459
_cell.length_c   82.112
_cell.angle_alpha   90.00
_cell.angle_beta   90.00
_cell.angle_gamma   120.00
#
_symmetry.space_group_name_H-M   'P 61'
#
loop_
_entity.id
_entity.type
_entity.pdbx_description
1 polymer 'DNA polymerase eta'
2 polymer "DNA (5'-D(*CP*AP*TP*GP*(6OG)P*TP*GP*AP*CP*GP*CP*T)-3')"
3 polymer "DNA (5'-D(*AP*GP*CP*GP*TP*CP*AP*C)-3')"
4 non-polymer "2'-deoxy-5'-O-[(R)-hydroxy{[(R)-hydroxy(phosphonooxy)phosphoryl]amino}phosphoryl]cytidine"
5 non-polymer 'MAGNESIUM ION'
6 non-polymer GLYCEROL
7 water water
#
loop_
_entity_poly.entity_id
_entity_poly.type
_entity_poly.pdbx_seq_one_letter_code
_entity_poly.pdbx_strand_id
1 'polypeptide(L)'
;GPHMATGQDRVVALVDMDCFFVQVEQRQNPHLRNKPCAVVQYKSWKGGGIIAVSYEARAFGVTRSMWADDAKKLCPDLLL
AQVRESRGKANLTKYREASVEVMEIMSRFAVIERASIDEAYVDLTSAVQERLQKLQGQPISADLLPSTYIEGLPQGPTTA
EETVQKEGMRKQGLFQWLDSLQIDNLTSPDLQLTVGAVIVEEMRAAIERETGFQCSAGISHNKVLAKLACGLNKPNRQTL
VSHGSVPQLFSQMPIRKIRSLGGKLGASVIEILGIEYMGELTQFTESQLQSHFGEKNGSWLYAMCRGIEHDPVKPRQLPK
TIGCSKNFPGKTALATREQVQWWLLQLAQELEERLTKDRNDNDRVATQLVVSIRVQGDKRLSSLRRCCALTRYDAHKMSH
DAFTVIKNCNTSGIQTEWSPPLTMLFLCATKFSAS
;
A
2 'polydeoxyribonucleotide' (DC)(DA)(DT)(DG)(6OG)(DT)(DG)(DA)(DC)(DG)(DC)(DT) T
3 'polydeoxyribonucleotide' (DA)(DG)(DC)(DG)(DT)(DC)(DA)(DC) P
#
# COMPACT_ATOMS: atom_id res chain seq x y z
N GLY A 1 16.57 -6.13 -31.81
CA GLY A 1 15.57 -5.12 -32.32
C GLY A 1 14.16 -5.65 -32.60
N PRO A 2 13.97 -6.42 -33.68
CA PRO A 2 12.65 -7.02 -33.99
C PRO A 2 12.21 -8.20 -33.05
N HIS A 3 13.15 -8.66 -32.22
CA HIS A 3 12.94 -9.71 -31.22
C HIS A 3 13.11 -9.25 -29.78
N MET A 4 13.35 -7.94 -29.60
CA MET A 4 13.58 -7.37 -28.26
C MET A 4 12.23 -6.97 -27.65
N ALA A 5 11.85 -7.71 -26.61
CA ALA A 5 10.61 -7.44 -25.90
C ALA A 5 10.76 -6.10 -25.19
N THR A 6 9.73 -5.27 -25.25
CA THR A 6 9.81 -3.90 -24.72
C THR A 6 8.87 -3.72 -23.55
N GLY A 7 8.17 -4.79 -23.14
CA GLY A 7 7.34 -4.75 -21.94
C GLY A 7 6.21 -3.74 -22.05
N GLN A 8 5.60 -3.71 -23.22
CA GLN A 8 4.54 -2.78 -23.54
C GLN A 8 3.26 -3.49 -23.83
N ASP A 9 3.13 -4.71 -23.32
CA ASP A 9 2.00 -5.62 -23.63
C ASP A 9 0.75 -5.43 -22.77
N ARG A 10 0.86 -4.76 -21.63
CA ARG A 10 -0.28 -4.55 -20.74
C ARG A 10 -0.49 -3.07 -20.41
N VAL A 11 -1.70 -2.71 -19.95
CA VAL A 11 -1.92 -1.40 -19.38
C VAL A 11 -2.25 -1.69 -17.91
N VAL A 12 -1.44 -1.16 -16.99
CA VAL A 12 -1.61 -1.43 -15.53
C VAL A 12 -1.76 -0.08 -14.83
N ALA A 13 -2.72 0.02 -13.94
CA ALA A 13 -2.83 1.20 -13.07
C ALA A 13 -2.64 0.85 -11.64
N LEU A 14 -2.20 1.82 -10.85
CA LEU A 14 -2.13 1.67 -9.41
C LEU A 14 -2.88 2.87 -8.84
N VAL A 15 -3.96 2.61 -8.08
CA VAL A 15 -4.74 3.67 -7.46
C VAL A 15 -4.39 3.68 -6.00
N ASP A 16 -4.02 4.88 -5.48
CA ASP A 16 -3.58 5.00 -4.08
C ASP A 16 -4.33 6.16 -3.41
N MET A 17 -5.08 5.88 -2.38
CA MET A 17 -5.87 6.92 -1.73
C MET A 17 -4.94 8.02 -1.09
N ASP A 18 -5.42 9.26 -1.18
CA ASP A 18 -4.66 10.39 -0.58
C ASP A 18 -4.92 10.40 0.91
N CYS A 19 -3.84 10.56 1.70
CA CYS A 19 -3.89 10.67 3.17
C CYS A 19 -5.05 9.89 3.76
N PHE A 20 -5.07 8.58 3.50
CA PHE A 20 -6.35 7.81 3.54
C PHE A 20 -7.09 7.88 4.89
N PHE A 21 -6.43 7.55 5.96
CA PHE A 21 -7.13 7.50 7.27
C PHE A 21 -7.61 8.93 7.63
N VAL A 22 -6.85 9.97 7.26
CA VAL A 22 -7.28 11.32 7.46
C VAL A 22 -8.60 11.63 6.67
N GLN A 23 -8.64 11.26 5.37
CA GLN A 23 -9.89 11.47 4.65
C GLN A 23 -11.10 10.70 5.24
N VAL A 24 -10.90 9.51 5.79
CA VAL A 24 -11.98 8.78 6.45
C VAL A 24 -12.53 9.62 7.66
N GLU A 25 -11.61 10.16 8.45
CA GLU A 25 -12.02 11.01 9.60
C GLU A 25 -12.60 12.37 9.19
N GLN A 26 -12.12 12.92 8.08
CA GLN A 26 -12.63 14.22 7.58
C GLN A 26 -14.03 14.06 6.95
N ARG A 27 -14.28 12.92 6.31
CA ARG A 27 -15.64 12.67 5.78
C ARG A 27 -16.62 12.66 6.99
N GLN A 28 -16.23 11.95 8.04
CA GLN A 28 -17.07 11.80 9.22
C GLN A 28 -17.28 13.07 9.98
N ASN A 29 -16.22 13.84 10.12
CA ASN A 29 -16.22 15.07 10.89
C ASN A 29 -15.84 16.28 9.98
N PRO A 30 -16.85 16.99 9.45
CA PRO A 30 -16.64 18.11 8.56
C PRO A 30 -15.74 19.22 9.13
N HIS A 31 -15.71 19.37 10.47
CA HIS A 31 -14.79 20.30 11.11
C HIS A 31 -13.32 20.07 10.80
N LEU A 32 -12.95 18.89 10.35
CA LEU A 32 -11.54 18.55 10.05
C LEU A 32 -11.18 18.78 8.56
N ARG A 33 -12.17 19.05 7.71
CA ARG A 33 -11.95 19.24 6.31
C ARG A 33 -11.16 20.46 6.01
N ASN A 34 -10.20 20.29 5.10
CA ASN A 34 -9.36 21.41 4.62
C ASN A 34 -8.58 22.08 5.72
N LYS A 35 -8.16 21.27 6.68
CA LYS A 35 -7.39 21.71 7.81
C LYS A 35 -6.12 20.87 7.93
N PRO A 36 -5.07 21.44 8.53
CA PRO A 36 -4.00 20.63 9.07
C PRO A 36 -4.52 19.65 10.11
N CYS A 37 -4.50 18.37 9.78
N CYS A 37 -4.49 18.36 9.73
CA CYS A 37 -4.97 17.39 10.72
CA CYS A 37 -5.14 17.26 10.45
C CYS A 37 -4.23 16.05 10.50
C CYS A 37 -4.23 16.02 10.46
N ALA A 38 -4.24 15.28 11.54
CA ALA A 38 -3.56 13.97 11.58
C ALA A 38 -4.42 12.97 12.33
N VAL A 39 -4.20 11.68 12.04
CA VAL A 39 -4.78 10.61 12.79
C VAL A 39 -3.72 10.06 13.71
N VAL A 40 -4.09 9.86 14.95
CA VAL A 40 -3.24 9.46 16.04
C VAL A 40 -3.78 8.18 16.70
N GLN A 41 -2.88 7.35 17.19
CA GLN A 41 -3.30 6.23 17.99
C GLN A 41 -2.69 6.30 19.36
N TYR A 42 -3.57 5.99 20.32
N TYR A 42 -3.48 6.08 20.43
CA TYR A 42 -3.36 6.17 21.71
CA TYR A 42 -2.96 6.02 21.86
C TYR A 42 -3.19 7.68 21.98
C TYR A 42 -2.51 7.40 22.52
N LYS A 43 -3.38 8.10 23.19
CA LYS A 43 -3.20 9.51 23.50
C LYS A 43 -2.28 9.77 24.66
N SER A 44 -2.08 8.76 25.52
CA SER A 44 -1.36 8.92 26.79
C SER A 44 0.11 9.10 26.65
N TRP A 45 0.72 8.47 25.68
CA TRP A 45 2.19 8.53 25.58
C TRP A 45 2.48 9.57 24.47
N LYS A 46 2.88 10.75 24.95
CA LYS A 46 3.34 11.87 24.11
C LYS A 46 2.31 12.34 23.12
N GLY A 47 1.06 12.26 23.53
CA GLY A 47 -0.07 12.68 22.80
C GLY A 47 -0.56 11.72 21.72
N GLY A 48 0.15 10.62 21.55
CA GLY A 48 -0.25 9.59 20.59
C GLY A 48 0.69 9.58 19.42
N GLY A 49 0.71 8.44 18.75
CA GLY A 49 1.57 8.22 17.58
C GLY A 49 0.83 8.65 16.34
N ILE A 50 1.42 9.52 15.51
CA ILE A 50 0.74 9.94 14.30
C ILE A 50 0.89 8.83 13.22
N ILE A 51 -0.23 8.41 12.63
CA ILE A 51 -0.18 7.43 11.55
C ILE A 51 -0.60 7.91 10.17
N ALA A 52 -1.20 9.10 10.08
CA ALA A 52 -1.55 9.68 8.79
C ALA A 52 -1.71 11.19 8.92
N VAL A 53 -1.45 11.94 7.84
CA VAL A 53 -1.24 13.36 7.95
C VAL A 53 -1.83 14.04 6.71
N SER A 54 -2.67 15.04 6.91
CA SER A 54 -3.30 15.74 5.80
C SER A 54 -2.23 16.57 5.13
N TYR A 55 -2.49 16.89 3.87
CA TYR A 55 -1.50 17.66 3.11
C TYR A 55 -1.24 19.08 3.66
N GLU A 56 -2.29 19.70 4.22
CA GLU A 56 -2.11 20.99 4.93
C GLU A 56 -1.15 20.84 6.10
N ALA A 57 -1.23 19.75 6.89
CA ALA A 57 -0.29 19.53 8.00
C ALA A 57 1.11 19.14 7.54
N ARG A 58 1.23 18.44 6.42
CA ARG A 58 2.56 18.10 5.88
C ARG A 58 3.40 19.36 5.55
N ALA A 59 2.72 20.44 5.15
CA ALA A 59 3.41 21.72 4.84
C ALA A 59 4.11 22.28 6.02
N PHE A 60 3.68 21.93 7.25
CA PHE A 60 4.37 22.36 8.50
C PHE A 60 5.50 21.42 8.91
N GLY A 61 5.67 20.27 8.24
CA GLY A 61 6.68 19.23 8.59
C GLY A 61 6.18 18.09 9.43
N VAL A 62 4.85 17.98 9.60
CA VAL A 62 4.24 16.89 10.33
C VAL A 62 4.37 15.66 9.47
N THR A 63 4.81 14.56 10.10
CA THR A 63 4.95 13.31 9.45
C THR A 63 4.39 12.17 10.26
N ARG A 64 4.13 11.07 9.56
CA ARG A 64 3.93 9.80 10.22
C ARG A 64 5.12 9.43 11.13
N SER A 65 4.81 8.66 12.15
CA SER A 65 5.73 8.21 13.17
C SER A 65 6.15 9.28 14.19
N MET A 66 5.73 10.50 14.00
CA MET A 66 5.98 11.54 14.95
C MET A 66 5.01 11.36 16.13
N TRP A 67 5.45 11.68 17.34
CA TRP A 67 4.52 11.87 18.47
C TRP A 67 3.66 13.10 18.27
N ALA A 68 2.38 13.06 18.63
CA ALA A 68 1.53 14.26 18.42
C ALA A 68 2.04 15.44 19.22
N ASP A 69 2.56 15.21 20.42
CA ASP A 69 3.12 16.37 21.20
C ASP A 69 4.22 17.08 20.40
N ASP A 70 4.99 16.32 19.64
CA ASP A 70 6.07 16.89 18.81
C ASP A 70 5.52 17.54 17.57
N ALA A 71 4.54 16.89 16.94
CA ALA A 71 3.91 17.48 15.78
C ALA A 71 3.25 18.86 16.12
N LYS A 72 2.68 18.97 17.31
CA LYS A 72 2.06 20.25 17.81
C LYS A 72 3.08 21.40 17.94
N LYS A 73 4.31 21.00 18.15
CA LYS A 73 5.43 21.96 18.14
C LYS A 73 5.65 22.57 16.76
N LEU A 74 5.50 21.80 15.70
CA LEU A 74 5.64 22.29 14.32
C LEU A 74 4.37 22.98 13.84
N CYS A 75 3.22 22.55 14.36
CA CYS A 75 1.89 22.94 13.88
C CYS A 75 0.94 23.08 15.07
N PRO A 76 0.95 24.26 15.73
CA PRO A 76 0.23 24.35 17.02
C PRO A 76 -1.30 24.23 16.85
N ASP A 77 -1.77 24.51 15.66
CA ASP A 77 -3.21 24.39 15.38
C ASP A 77 -3.57 23.02 14.74
N LEU A 78 -2.66 22.04 14.78
CA LEU A 78 -2.96 20.72 14.18
C LEU A 78 -4.20 20.14 14.84
N LEU A 79 -5.12 19.68 14.05
CA LEU A 79 -6.27 18.94 14.57
C LEU A 79 -5.99 17.44 14.54
N LEU A 80 -6.61 16.73 15.45
CA LEU A 80 -6.35 15.32 15.62
C LEU A 80 -7.64 14.53 15.64
N ALA A 81 -7.60 13.39 14.99
CA ALA A 81 -8.63 12.39 15.16
C ALA A 81 -8.00 11.16 15.69
N GLN A 82 -8.62 10.49 16.66
CA GLN A 82 -7.99 9.30 17.25
C GLN A 82 -8.55 8.00 16.78
N VAL A 83 -7.71 7.02 16.61
CA VAL A 83 -8.16 5.67 16.25
C VAL A 83 -8.99 5.11 17.41
N ARG A 84 -10.06 4.42 17.07
CA ARG A 84 -10.91 3.80 18.06
C ARG A 84 -10.08 2.82 18.90
N GLU A 85 -10.47 2.67 20.16
CA GLU A 85 -9.86 1.66 21.05
C GLU A 85 -10.95 0.77 21.52
N SER A 86 -10.72 -0.55 21.41
CA SER A 86 -11.67 -1.55 21.85
C SER A 86 -10.85 -2.68 22.45
N ARG A 87 -11.35 -3.19 23.57
CA ARG A 87 -10.64 -4.22 24.34
C ARG A 87 -9.23 -3.89 24.66
N GLY A 88 -8.97 -2.65 25.00
CA GLY A 88 -7.66 -2.19 25.37
C GLY A 88 -6.66 -1.91 24.27
N LYS A 89 -7.11 -1.93 23.00
CA LYS A 89 -6.20 -1.81 21.87
C LYS A 89 -6.80 -0.97 20.71
N ALA A 90 -5.94 -0.48 19.86
CA ALA A 90 -6.34 0.22 18.62
C ALA A 90 -7.10 -0.77 17.75
N ASN A 91 -8.19 -0.28 17.18
CA ASN A 91 -9.09 -1.09 16.37
C ASN A 91 -9.28 -0.39 15.07
N LEU A 92 -8.85 -1.02 13.95
CA LEU A 92 -8.82 -0.36 12.66
C LEU A 92 -10.05 -0.63 11.77
N THR A 93 -11.13 -1.12 12.35
CA THR A 93 -12.33 -1.43 11.59
C THR A 93 -12.80 -0.35 10.66
N LYS A 94 -12.88 0.90 11.13
CA LYS A 94 -13.43 1.93 10.32
C LYS A 94 -12.68 2.11 8.97
N TYR A 95 -11.37 1.92 9.02
CA TYR A 95 -10.50 2.12 7.87
C TYR A 95 -10.55 0.95 6.95
N ARG A 96 -10.66 -0.25 7.56
CA ARG A 96 -10.92 -1.48 6.79
C ARG A 96 -12.21 -1.43 6.00
N GLU A 97 -13.26 -0.93 6.65
CA GLU A 97 -14.59 -0.76 6.01
C GLU A 97 -14.58 0.30 4.93
N ALA A 98 -13.92 1.43 5.18
CA ALA A 98 -13.74 2.39 4.13
C ALA A 98 -12.94 1.87 2.90
N SER A 99 -11.94 1.09 3.16
CA SER A 99 -11.15 0.42 2.10
C SER A 99 -12.07 -0.48 1.24
N VAL A 100 -12.95 -1.24 1.89
CA VAL A 100 -13.92 -2.09 1.09
C VAL A 100 -14.79 -1.20 0.21
N GLU A 101 -15.21 0.00 0.69
CA GLU A 101 -15.98 0.90 -0.19
C GLU A 101 -15.29 1.19 -1.52
N VAL A 102 -14.00 1.53 -1.38
CA VAL A 102 -13.23 1.92 -2.52
C VAL A 102 -12.95 0.73 -3.38
N MET A 103 -12.62 -0.40 -2.78
CA MET A 103 -12.24 -1.55 -3.58
C MET A 103 -13.43 -2.07 -4.39
N GLU A 104 -14.64 -2.01 -3.81
CA GLU A 104 -15.84 -2.46 -4.51
C GLU A 104 -16.12 -1.61 -5.74
N ILE A 105 -15.89 -0.31 -5.65
CA ILE A 105 -16.02 0.58 -6.78
C ILE A 105 -15.01 0.28 -7.88
N MET A 106 -13.75 0.16 -7.53
CA MET A 106 -12.74 -0.18 -8.47
C MET A 106 -13.06 -1.50 -9.21
N SER A 107 -13.55 -2.49 -8.48
CA SER A 107 -13.87 -3.78 -9.06
CA SER A 107 -13.88 -3.80 -9.04
C SER A 107 -14.92 -3.76 -10.15
N ARG A 108 -15.74 -2.69 -10.20
CA ARG A 108 -16.69 -2.51 -11.32
C ARG A 108 -16.00 -2.31 -12.67
N PHE A 109 -14.81 -1.74 -12.65
CA PHE A 109 -14.04 -1.40 -13.86
C PHE A 109 -13.17 -2.51 -14.37
N ALA A 110 -12.63 -3.33 -13.47
CA ALA A 110 -11.65 -4.33 -13.79
C ALA A 110 -11.35 -5.19 -12.60
N VAL A 111 -10.69 -6.30 -12.85
CA VAL A 111 -10.33 -7.12 -11.77
C VAL A 111 -9.12 -6.42 -11.09
N ILE A 112 -9.17 -6.39 -9.79
CA ILE A 112 -8.13 -5.67 -8.98
C ILE A 112 -7.34 -6.62 -8.13
N GLU A 113 -6.14 -6.18 -7.79
CA GLU A 113 -5.29 -6.78 -6.83
C GLU A 113 -5.20 -5.78 -5.70
N ARG A 114 -5.74 -6.16 -4.55
CA ARG A 114 -5.60 -5.37 -3.31
C ARG A 114 -4.21 -5.38 -2.82
N ALA A 115 -3.50 -4.27 -2.89
CA ALA A 115 -2.10 -4.29 -2.50
C ALA A 115 -1.88 -3.79 -1.09
N SER A 116 -2.84 -3.07 -0.54
CA SER A 116 -2.77 -2.59 0.81
C SER A 116 -4.14 -2.15 1.23
N ILE A 117 -4.27 -1.64 2.44
CA ILE A 117 -5.50 -1.07 2.86
C ILE A 117 -6.02 0.05 1.92
N ASP A 118 -5.12 0.76 1.20
CA ASP A 118 -5.61 1.93 0.40
C ASP A 118 -5.13 1.96 -1.02
N GLU A 119 -4.64 0.83 -1.51
CA GLU A 119 -4.30 0.78 -2.90
C GLU A 119 -4.54 -0.52 -3.56
N ALA A 120 -4.88 -0.37 -4.83
CA ALA A 120 -5.11 -1.54 -5.67
C ALA A 120 -4.46 -1.37 -7.04
N TYR A 121 -3.88 -2.45 -7.54
CA TYR A 121 -3.55 -2.53 -8.98
C TYR A 121 -4.76 -2.96 -9.81
N VAL A 122 -4.79 -2.46 -11.03
CA VAL A 122 -5.83 -2.75 -12.04
C VAL A 122 -5.16 -3.16 -13.32
N ASP A 123 -5.50 -4.29 -13.93
CA ASP A 123 -5.09 -4.63 -15.29
C ASP A 123 -6.17 -4.14 -16.25
N LEU A 124 -5.89 -3.06 -16.95
CA LEU A 124 -6.84 -2.45 -17.83
C LEU A 124 -6.72 -2.87 -19.28
N THR A 125 -5.86 -3.85 -19.58
CA THR A 125 -5.56 -4.21 -20.97
C THR A 125 -6.83 -4.47 -21.79
N SER A 126 -7.70 -5.29 -21.22
CA SER A 126 -8.97 -5.70 -21.86
C SER A 126 -9.92 -4.52 -22.03
N ALA A 127 -10.11 -3.73 -20.96
CA ALA A 127 -10.96 -2.55 -20.96
C ALA A 127 -10.48 -1.54 -22.00
N VAL A 128 -9.16 -1.43 -22.17
CA VAL A 128 -8.64 -0.48 -23.15
C VAL A 128 -8.96 -0.94 -24.57
N GLN A 129 -8.82 -2.23 -24.82
CA GLN A 129 -9.07 -2.81 -26.14
C GLN A 129 -10.52 -2.59 -26.46
N GLU A 130 -11.41 -2.84 -25.50
CA GLU A 130 -12.84 -2.56 -25.72
C GLU A 130 -13.11 -1.05 -26.00
N ARG A 131 -12.55 -0.14 -25.23
CA ARG A 131 -12.83 1.27 -25.39
C ARG A 131 -12.28 1.78 -26.74
N LEU A 132 -11.13 1.25 -27.19
CA LEU A 132 -10.56 1.57 -28.51
C LEU A 132 -11.44 1.20 -29.68
N GLN A 133 -12.23 0.11 -29.54
CA GLN A 133 -13.24 -0.26 -30.54
C GLN A 133 -14.38 0.77 -30.65
N LYS A 134 -14.87 1.31 -29.52
CA LYS A 134 -15.87 2.43 -29.56
C LYS A 134 -15.26 3.76 -30.03
N LEU A 135 -14.09 4.12 -29.51
CA LEU A 135 -13.37 5.29 -30.00
C LEU A 135 -12.84 4.92 -31.38
N GLN A 136 -13.74 5.01 -32.37
CA GLN A 136 -13.49 4.47 -33.70
C GLN A 136 -12.50 5.36 -34.43
N GLY A 137 -11.21 5.21 -34.10
CA GLY A 137 -10.15 6.10 -34.58
C GLY A 137 -10.34 7.60 -34.33
N GLN A 138 -11.28 7.95 -33.44
CA GLN A 138 -11.57 9.37 -33.14
C GLN A 138 -10.59 9.81 -32.06
N PRO A 139 -10.03 11.04 -32.19
CA PRO A 139 -8.99 11.44 -31.25
C PRO A 139 -9.50 11.68 -29.83
N ILE A 140 -8.56 11.79 -28.91
CA ILE A 140 -8.84 11.81 -27.52
C ILE A 140 -8.65 13.24 -27.14
N SER A 141 -9.71 13.85 -26.64
CA SER A 141 -9.67 15.26 -26.24
C SER A 141 -8.93 15.44 -24.89
N ALA A 142 -8.21 16.54 -24.69
CA ALA A 142 -7.67 16.84 -23.38
C ALA A 142 -8.69 16.92 -22.26
N ASP A 143 -9.95 17.21 -22.63
CA ASP A 143 -11.01 17.31 -21.67
C ASP A 143 -11.31 15.98 -21.02
N LEU A 144 -10.98 14.86 -21.69
CA LEU A 144 -11.11 13.57 -21.09
C LEU A 144 -10.00 13.19 -20.03
N LEU A 145 -8.98 14.00 -19.93
CA LEU A 145 -7.82 13.82 -19.04
C LEU A 145 -7.54 15.04 -18.19
N PRO A 146 -8.54 15.47 -17.40
CA PRO A 146 -8.45 16.76 -16.70
C PRO A 146 -7.55 16.79 -15.51
N SER A 147 -7.08 15.61 -15.05
CA SER A 147 -6.18 15.52 -13.90
C SER A 147 -4.96 14.67 -14.19
N THR A 148 -4.58 14.53 -15.45
CA THR A 148 -3.51 13.65 -15.88
C THR A 148 -2.26 14.43 -16.21
N TYR A 149 -1.12 13.92 -15.74
CA TYR A 149 0.23 14.42 -16.02
C TYR A 149 0.87 13.38 -16.92
N ILE A 150 1.57 13.84 -17.94
CA ILE A 150 2.39 12.95 -18.78
C ILE A 150 3.83 13.13 -18.36
N GLU A 151 4.38 12.15 -17.67
CA GLU A 151 5.70 12.29 -17.16
C GLU A 151 6.72 12.53 -18.32
N GLY A 152 7.63 13.48 -18.09
CA GLY A 152 8.65 13.87 -19.07
C GLY A 152 8.24 15.02 -19.97
N LEU A 153 6.97 15.40 -19.99
CA LEU A 153 6.49 16.52 -20.78
C LEU A 153 5.97 17.63 -19.87
N PRO A 154 6.00 18.90 -20.34
CA PRO A 154 6.46 19.32 -21.67
C PRO A 154 7.94 19.31 -21.77
N GLN A 155 8.45 19.27 -22.98
CA GLN A 155 9.89 19.19 -23.20
C GLN A 155 10.15 19.91 -24.51
N GLY A 156 11.37 20.40 -24.70
CA GLY A 156 11.82 20.86 -26.01
C GLY A 156 11.44 22.30 -26.25
N PRO A 157 11.61 22.74 -27.50
CA PRO A 157 11.17 24.06 -27.91
C PRO A 157 9.72 23.99 -28.43
N THR A 163 4.03 30.43 -19.24
CA THR A 163 3.28 29.88 -18.10
C THR A 163 4.18 29.22 -17.02
N VAL A 164 4.15 29.83 -15.84
CA VAL A 164 5.01 29.46 -14.74
C VAL A 164 4.20 28.80 -13.59
N GLN A 165 2.95 28.39 -13.87
CA GLN A 165 2.06 27.73 -12.88
C GLN A 165 1.84 26.21 -13.14
N LYS A 166 1.56 25.44 -12.07
CA LYS A 166 1.55 23.96 -12.16
C LYS A 166 0.51 23.50 -13.21
N GLU A 167 -0.68 24.07 -13.18
CA GLU A 167 -1.71 23.61 -14.11
C GLU A 167 -1.40 23.93 -15.58
N GLY A 168 -0.75 25.05 -15.83
CA GLY A 168 -0.29 25.38 -17.16
C GLY A 168 0.72 24.42 -17.75
N MET A 169 1.70 24.03 -16.92
CA MET A 169 2.69 23.00 -17.22
C MET A 169 2.00 21.68 -17.50
N ARG A 170 1.05 21.29 -16.65
CA ARG A 170 0.36 19.99 -16.85
C ARG A 170 -0.28 19.99 -18.20
N LYS A 171 -1.02 21.07 -18.52
CA LYS A 171 -1.70 21.14 -19.82
C LYS A 171 -0.78 21.16 -21.03
N GLN A 172 0.32 21.90 -20.93
CA GLN A 172 1.28 21.95 -22.04
C GLN A 172 1.81 20.56 -22.30
N GLY A 173 2.14 19.82 -21.25
CA GLY A 173 2.63 18.49 -21.42
C GLY A 173 1.60 17.57 -22.00
N LEU A 174 0.36 17.63 -21.49
CA LEU A 174 -0.70 16.83 -22.06
C LEU A 174 -0.89 17.15 -23.56
N PHE A 175 -0.86 18.45 -23.91
CA PHE A 175 -1.12 18.83 -25.32
C PHE A 175 -0.02 18.22 -26.25
N GLN A 176 1.24 18.30 -25.83
CA GLN A 176 2.40 17.71 -26.55
C GLN A 176 2.18 16.27 -26.77
N TRP A 177 1.79 15.56 -25.70
CA TRP A 177 1.53 14.14 -25.81
C TRP A 177 0.41 13.84 -26.76
N LEU A 178 -0.72 14.48 -26.57
CA LEU A 178 -1.90 14.18 -27.44
C LEU A 178 -1.64 14.59 -28.91
N ASP A 179 -0.91 15.69 -29.11
CA ASP A 179 -0.61 16.17 -30.48
C ASP A 179 0.28 15.20 -31.21
N SER A 180 1.10 14.44 -30.49
CA SER A 180 1.89 13.42 -31.17
C SER A 180 1.32 12.02 -31.22
N LEU A 181 0.13 11.81 -30.69
CA LEU A 181 -0.37 10.47 -30.61
C LEU A 181 -0.91 9.92 -31.96
N GLN A 182 -0.63 8.64 -32.23
CA GLN A 182 -1.06 7.92 -33.45
C GLN A 182 -2.37 7.11 -33.24
N ILE A 183 -3.50 7.84 -33.28
CA ILE A 183 -4.85 7.31 -32.97
C ILE A 183 -5.42 6.23 -33.93
N ASP A 184 -4.94 6.24 -35.16
CA ASP A 184 -5.28 5.23 -36.16
C ASP A 184 -4.69 3.82 -35.90
N ASN A 185 -3.72 3.72 -34.99
CA ASN A 185 -3.09 2.42 -34.72
C ASN A 185 -3.56 1.90 -33.34
N LEU A 186 -4.43 0.88 -33.37
CA LEU A 186 -5.03 0.31 -32.15
C LEU A 186 -4.06 -0.51 -31.29
N THR A 187 -2.95 -0.96 -31.88
CA THR A 187 -1.87 -1.66 -31.17
C THR A 187 -0.77 -0.67 -30.68
N SER A 188 -0.83 0.64 -30.95
CA SER A 188 0.18 1.58 -30.33
C SER A 188 0.16 1.54 -28.76
N PRO A 189 1.26 1.14 -28.15
CA PRO A 189 1.31 1.16 -26.68
C PRO A 189 1.01 2.51 -26.09
N ASP A 190 1.49 3.60 -26.67
CA ASP A 190 1.23 4.92 -26.09
C ASP A 190 -0.25 5.24 -26.14
N LEU A 191 -0.90 4.92 -27.26
CA LEU A 191 -2.34 5.05 -27.37
C LEU A 191 -3.06 4.26 -26.28
N GLN A 192 -2.69 3.01 -26.09
CA GLN A 192 -3.25 2.13 -25.08
C GLN A 192 -3.17 2.74 -23.69
N LEU A 193 -1.97 3.23 -23.31
CA LEU A 193 -1.81 3.98 -22.05
C LEU A 193 -2.73 5.16 -21.94
N THR A 194 -2.94 5.93 -23.01
CA THR A 194 -3.76 7.11 -22.97
C THR A 194 -5.21 6.74 -22.71
N VAL A 195 -5.72 5.72 -23.41
CA VAL A 195 -7.07 5.22 -23.15
C VAL A 195 -7.16 4.66 -21.71
N GLY A 196 -6.11 3.99 -21.26
CA GLY A 196 -5.98 3.52 -19.84
C GLY A 196 -6.20 4.71 -18.93
N ALA A 197 -5.55 5.84 -19.25
CA ALA A 197 -5.66 7.01 -18.41
C ALA A 197 -7.09 7.62 -18.40
N VAL A 198 -7.76 7.57 -19.54
CA VAL A 198 -9.17 8.03 -19.62
C VAL A 198 -10.04 7.17 -18.71
N ILE A 199 -9.86 5.86 -18.76
CA ILE A 199 -10.55 4.94 -17.87
C ILE A 199 -10.28 5.29 -16.36
N VAL A 200 -9.01 5.53 -16.02
CA VAL A 200 -8.64 5.86 -14.64
C VAL A 200 -9.24 7.18 -14.17
N GLU A 201 -9.37 8.16 -15.06
CA GLU A 201 -10.08 9.38 -14.73
C GLU A 201 -11.54 9.09 -14.32
N GLU A 202 -12.18 8.22 -15.10
CA GLU A 202 -13.58 7.79 -14.82
C GLU A 202 -13.67 7.04 -13.49
N MET A 203 -12.75 6.11 -13.28
CA MET A 203 -12.67 5.35 -12.01
C MET A 203 -12.46 6.25 -10.81
N ARG A 204 -11.53 7.21 -10.93
CA ARG A 204 -11.24 8.13 -9.86
C ARG A 204 -12.45 9.08 -9.58
N ALA A 205 -13.15 9.50 -10.64
CA ALA A 205 -14.32 10.34 -10.45
C ALA A 205 -15.44 9.52 -9.73
N ALA A 206 -15.58 8.23 -10.06
CA ALA A 206 -16.55 7.38 -9.40
C ALA A 206 -16.24 7.20 -7.91
N ILE A 207 -14.95 7.01 -7.62
CA ILE A 207 -14.55 6.81 -6.24
C ILE A 207 -14.93 8.08 -5.50
N GLU A 208 -14.58 9.24 -6.03
CA GLU A 208 -14.80 10.51 -5.30
C GLU A 208 -16.30 10.78 -5.15
N ARG A 209 -17.03 10.51 -6.22
CA ARG A 209 -18.49 10.76 -6.21
C ARG A 209 -19.17 9.90 -5.17
N GLU A 210 -18.82 8.63 -5.12
CA GLU A 210 -19.54 7.63 -4.36
C GLU A 210 -19.03 7.48 -2.91
N THR A 211 -17.82 8.03 -2.62
CA THR A 211 -17.27 7.93 -1.28
C THR A 211 -16.91 9.24 -0.65
N GLY A 212 -16.66 10.24 -1.45
CA GLY A 212 -16.10 11.44 -0.96
C GLY A 212 -14.56 11.41 -0.90
N PHE A 213 -13.92 10.31 -1.24
CA PHE A 213 -12.49 10.17 -1.07
C PHE A 213 -11.73 10.49 -2.35
N GLN A 214 -10.71 11.33 -2.25
CA GLN A 214 -9.79 11.56 -3.37
C GLN A 214 -8.62 10.61 -3.38
N CYS A 215 -8.06 10.39 -4.56
CA CYS A 215 -6.95 9.46 -4.71
C CYS A 215 -6.07 9.93 -5.88
N SER A 216 -4.86 9.39 -5.92
CA SER A 216 -3.92 9.46 -7.02
C SER A 216 -3.81 8.16 -7.75
N ALA A 217 -3.31 8.19 -8.99
CA ALA A 217 -3.08 6.97 -9.71
C ALA A 217 -1.91 7.06 -10.63
N GLY A 218 -1.29 5.92 -10.91
CA GLY A 218 -0.31 5.82 -11.96
C GLY A 218 -0.82 4.87 -13.03
N ILE A 219 -0.51 5.20 -14.27
CA ILE A 219 -0.81 4.35 -15.43
C ILE A 219 0.45 4.07 -16.19
N SER A 220 0.80 2.78 -16.31
CA SER A 220 1.95 2.39 -17.12
C SER A 220 1.76 1.00 -17.64
N HIS A 221 2.83 0.34 -18.01
CA HIS A 221 2.76 -0.97 -18.56
C HIS A 221 3.00 -2.09 -17.57
N ASN A 222 3.30 -1.78 -16.33
CA ASN A 222 3.51 -2.81 -15.29
C ASN A 222 3.31 -2.19 -13.91
N LYS A 223 3.25 -3.04 -12.91
CA LYS A 223 2.98 -2.58 -11.55
C LYS A 223 4.01 -1.62 -11.05
N VAL A 224 5.29 -1.93 -11.18
CA VAL A 224 6.33 -1.09 -10.60
C VAL A 224 6.29 0.32 -11.20
N LEU A 225 6.12 0.42 -12.51
CA LEU A 225 6.03 1.75 -13.11
C LEU A 225 4.74 2.48 -12.73
N ALA A 226 3.64 1.73 -12.61
CA ALA A 226 2.42 2.39 -12.20
C ALA A 226 2.49 2.93 -10.79
N LYS A 227 3.07 2.14 -9.87
CA LYS A 227 3.26 2.58 -8.49
C LYS A 227 4.18 3.84 -8.43
N LEU A 228 5.31 3.78 -9.12
CA LEU A 228 6.20 4.90 -9.17
C LEU A 228 5.47 6.13 -9.78
N ALA A 229 4.80 5.94 -10.91
CA ALA A 229 4.04 7.01 -11.50
C ALA A 229 3.04 7.65 -10.53
N CYS A 230 2.30 6.82 -9.77
CA CYS A 230 1.28 7.32 -8.85
C CYS A 230 1.80 8.39 -7.90
N GLY A 231 2.98 8.17 -7.36
CA GLY A 231 3.56 9.10 -6.42
C GLY A 231 4.12 10.38 -7.05
N LEU A 232 4.23 10.46 -8.37
CA LEU A 232 4.93 11.60 -8.97
C LEU A 232 4.15 12.89 -8.84
N ASN A 233 2.79 12.79 -8.81
CA ASN A 233 1.96 13.99 -8.75
C ASN A 233 0.80 13.94 -7.74
N LYS A 234 1.01 13.18 -6.72
CA LYS A 234 0.12 13.07 -5.58
C LYS A 234 0.09 14.44 -4.86
N PRO A 235 -1.07 14.92 -4.36
CA PRO A 235 -2.39 14.28 -4.28
C PRO A 235 -3.35 14.68 -5.38
N ASN A 236 -4.42 13.93 -5.50
CA ASN A 236 -5.53 14.25 -6.39
C ASN A 236 -5.20 14.38 -7.88
N ARG A 237 -4.19 13.65 -8.35
CA ARG A 237 -3.79 13.73 -9.76
C ARG A 237 -3.38 12.34 -10.18
N GLN A 238 -3.31 12.10 -11.47
CA GLN A 238 -2.84 10.82 -11.98
C GLN A 238 -1.75 11.09 -12.99
N THR A 239 -0.85 10.12 -13.14
CA THR A 239 0.38 10.27 -13.94
C THR A 239 0.53 9.07 -14.87
N LEU A 240 0.77 9.39 -16.14
CA LEU A 240 1.07 8.43 -17.20
C LEU A 240 2.58 8.33 -17.41
N VAL A 241 3.16 7.12 -17.23
CA VAL A 241 4.56 6.91 -17.45
C VAL A 241 4.65 5.97 -18.65
N SER A 242 5.07 6.52 -19.78
CA SER A 242 5.18 5.74 -21.00
C SER A 242 6.48 4.93 -21.00
N HIS A 243 6.58 3.95 -21.85
CA HIS A 243 7.83 3.22 -21.99
C HIS A 243 8.98 4.16 -22.37
N GLY A 244 8.67 5.09 -23.25
CA GLY A 244 9.68 6.04 -23.77
C GLY A 244 10.20 6.97 -22.72
N SER A 245 9.37 7.27 -21.71
CA SER A 245 9.79 8.14 -20.60
C SER A 245 10.83 7.49 -19.67
N VAL A 246 11.00 6.17 -19.73
CA VAL A 246 11.82 5.50 -18.74
C VAL A 246 13.32 5.90 -18.71
N PRO A 247 14.00 6.08 -19.86
CA PRO A 247 15.42 6.41 -19.74
C PRO A 247 15.70 7.70 -19.01
N GLN A 248 14.95 8.76 -19.31
CA GLN A 248 15.21 10.01 -18.59
C GLN A 248 14.75 9.91 -17.13
N LEU A 249 13.56 9.32 -16.92
CA LEU A 249 13.01 9.18 -15.56
C LEU A 249 13.97 8.41 -14.65
N PHE A 250 14.51 7.33 -15.14
CA PHE A 250 15.42 6.50 -14.37
C PHE A 250 16.80 7.05 -14.17
N SER A 251 17.19 8.00 -15.01
CA SER A 251 18.55 8.49 -15.09
C SER A 251 18.93 9.23 -13.82
N GLN A 252 17.94 9.80 -13.11
CA GLN A 252 18.18 10.41 -11.86
C GLN A 252 17.29 9.87 -10.74
N MET A 253 16.80 8.65 -10.88
CA MET A 253 15.86 8.08 -9.94
C MET A 253 16.65 7.28 -8.95
N PRO A 254 16.67 7.70 -7.67
CA PRO A 254 17.36 6.83 -6.72
C PRO A 254 16.80 5.41 -6.69
N ILE A 255 17.70 4.44 -6.61
CA ILE A 255 17.32 3.07 -6.57
C ILE A 255 16.26 2.73 -5.52
N ARG A 256 16.36 3.38 -4.34
CA ARG A 256 15.42 3.09 -3.26
C ARG A 256 13.99 3.48 -3.52
N LYS A 257 13.73 4.27 -4.57
CA LYS A 257 12.37 4.65 -4.89
C LYS A 257 11.56 3.62 -5.60
N ILE A 258 12.22 2.61 -6.19
CA ILE A 258 11.51 1.55 -6.88
C ILE A 258 11.01 0.54 -5.86
N ARG A 259 9.79 0.09 -6.03
CA ARG A 259 9.16 -0.85 -5.12
C ARG A 259 9.97 -2.12 -4.99
N SER A 260 10.24 -2.48 -3.73
CA SER A 260 11.04 -3.64 -3.31
C SER A 260 12.51 -3.37 -3.15
N LEU A 261 12.95 -2.20 -3.58
CA LEU A 261 14.36 -1.82 -3.42
C LEU A 261 14.61 -0.78 -2.34
N GLY A 262 13.62 -0.53 -1.51
CA GLY A 262 13.77 0.46 -0.45
C GLY A 262 14.45 0.00 0.80
N GLY A 263 14.89 -1.27 0.83
CA GLY A 263 15.48 -1.90 2.00
C GLY A 263 16.89 -2.41 1.73
N LYS A 264 17.20 -3.57 2.31
CA LYS A 264 18.57 -4.08 2.29
C LYS A 264 19.07 -4.45 0.89
N LEU A 265 18.21 -5.05 0.06
CA LEU A 265 18.61 -5.38 -1.32
C LEU A 265 19.00 -4.14 -2.05
N GLY A 266 18.19 -3.07 -1.96
CA GLY A 266 18.48 -1.86 -2.72
C GLY A 266 19.76 -1.22 -2.23
N ALA A 267 19.98 -1.31 -0.92
CA ALA A 267 21.22 -0.83 -0.36
C ALA A 267 22.39 -1.62 -0.89
N SER A 268 22.23 -2.93 -1.03
CA SER A 268 23.31 -3.78 -1.51
C SER A 268 23.59 -3.52 -3.02
N VAL A 269 22.54 -3.21 -3.79
CA VAL A 269 22.74 -2.80 -5.19
C VAL A 269 23.66 -1.57 -5.27
N ILE A 270 23.36 -0.56 -4.45
CA ILE A 270 24.12 0.65 -4.41
C ILE A 270 25.57 0.35 -4.01
N GLU A 271 25.73 -0.41 -2.92
CA GLU A 271 27.06 -0.66 -2.36
C GLU A 271 27.90 -1.53 -3.24
N ILE A 272 27.36 -2.65 -3.71
CA ILE A 272 28.10 -3.58 -4.46
C ILE A 272 28.46 -3.04 -5.82
N LEU A 273 27.53 -2.35 -6.48
CA LEU A 273 27.79 -1.92 -7.82
C LEU A 273 28.39 -0.53 -7.91
N GLY A 274 28.35 0.22 -6.84
CA GLY A 274 28.88 1.57 -6.79
C GLY A 274 28.05 2.52 -7.61
N ILE A 275 26.71 2.39 -7.58
CA ILE A 275 25.83 3.25 -8.37
C ILE A 275 24.79 3.92 -7.47
N GLU A 276 24.04 4.87 -8.04
CA GLU A 276 23.02 5.59 -7.24
C GLU A 276 21.61 5.48 -7.87
N TYR A 277 21.52 5.45 -9.20
CA TYR A 277 20.26 5.68 -9.95
C TYR A 277 19.88 4.43 -10.70
N MET A 278 18.57 4.23 -10.82
CA MET A 278 18.01 3.05 -11.43
C MET A 278 18.59 2.85 -12.85
N GLY A 279 18.78 3.94 -13.60
CA GLY A 279 19.17 3.86 -14.99
C GLY A 279 20.59 3.28 -15.11
N GLU A 280 21.41 3.50 -14.06
CA GLU A 280 22.76 3.01 -14.09
C GLU A 280 22.83 1.48 -14.12
N LEU A 281 21.77 0.81 -13.73
CA LEU A 281 21.71 -0.66 -13.88
C LEU A 281 21.84 -1.21 -15.30
N THR A 282 21.49 -0.43 -16.33
CA THR A 282 21.50 -0.94 -17.72
C THR A 282 22.90 -1.39 -18.11
N GLN A 283 23.92 -0.90 -17.40
CA GLN A 283 25.27 -1.18 -17.77
C GLN A 283 25.84 -2.53 -17.29
N PHE A 284 25.01 -3.37 -16.71
CA PHE A 284 25.47 -4.65 -16.21
C PHE A 284 24.79 -5.74 -17.04
N THR A 285 25.43 -6.88 -17.25
CA THR A 285 24.75 -7.95 -17.96
C THR A 285 23.75 -8.61 -17.01
N GLU A 286 22.81 -9.32 -17.58
CA GLU A 286 21.90 -10.11 -16.77
C GLU A 286 22.69 -11.05 -15.82
N SER A 287 23.74 -11.67 -16.37
CA SER A 287 24.50 -12.62 -15.58
C SER A 287 25.23 -11.90 -14.47
N GLN A 288 25.73 -10.69 -14.74
CA GLN A 288 26.40 -9.96 -13.70
C GLN A 288 25.45 -9.68 -12.53
N LEU A 289 24.24 -9.27 -12.87
CA LEU A 289 23.26 -8.99 -11.80
C LEU A 289 22.84 -10.22 -11.04
N GLN A 290 22.67 -11.31 -11.77
CA GLN A 290 22.30 -12.54 -11.11
C GLN A 290 23.39 -13.01 -10.18
N SER A 291 24.62 -12.80 -10.59
CA SER A 291 25.76 -13.18 -9.74
C SER A 291 25.81 -12.44 -8.41
N HIS A 292 25.46 -11.18 -8.38
CA HIS A 292 25.43 -10.51 -7.12
C HIS A 292 24.15 -10.71 -6.33
N PHE A 293 23.00 -10.72 -7.00
CA PHE A 293 21.71 -10.66 -6.29
C PHE A 293 20.83 -11.91 -6.41
N GLY A 294 21.33 -12.97 -7.05
CA GLY A 294 20.55 -14.19 -7.24
C GLY A 294 19.86 -14.20 -8.56
N GLU A 295 19.48 -15.40 -9.01
CA GLU A 295 18.89 -15.61 -10.30
C GLU A 295 17.63 -14.71 -10.45
N LYS A 296 16.74 -14.79 -9.48
CA LYS A 296 15.43 -14.15 -9.61
C LYS A 296 15.60 -12.62 -9.53
N ASN A 297 16.30 -12.15 -8.52
CA ASN A 297 16.44 -10.71 -8.36
C ASN A 297 17.26 -10.16 -9.57
N GLY A 298 18.29 -10.87 -10.02
CA GLY A 298 19.17 -10.31 -11.10
C GLY A 298 18.35 -10.16 -12.40
N SER A 299 17.53 -11.18 -12.71
CA SER A 299 16.69 -11.15 -13.87
C SER A 299 15.68 -10.00 -13.73
N TRP A 300 15.13 -9.85 -12.54
CA TRP A 300 14.14 -8.79 -12.31
C TRP A 300 14.76 -7.40 -12.47
N LEU A 301 15.97 -7.23 -11.91
CA LEU A 301 16.67 -5.96 -12.03
C LEU A 301 17.06 -5.63 -13.46
N TYR A 302 17.49 -6.65 -14.19
CA TYR A 302 17.93 -6.42 -15.58
C TYR A 302 16.80 -5.88 -16.44
N ALA A 303 15.63 -6.51 -16.32
CA ALA A 303 14.49 -6.05 -17.00
C ALA A 303 13.91 -4.75 -16.43
N MET A 304 13.87 -4.64 -15.13
CA MET A 304 13.21 -3.46 -14.52
C MET A 304 13.90 -2.17 -14.83
N CYS A 305 15.22 -2.21 -14.85
CA CYS A 305 15.96 -0.94 -15.20
C CYS A 305 15.72 -0.47 -16.63
N ARG A 306 15.17 -1.32 -17.47
CA ARG A 306 14.72 -1.04 -18.85
C ARG A 306 13.20 -0.75 -18.96
N GLY A 307 12.53 -0.73 -17.82
CA GLY A 307 11.13 -0.44 -17.69
C GLY A 307 10.23 -1.63 -17.92
N ILE A 308 10.79 -2.81 -17.82
CA ILE A 308 10.10 -4.07 -18.15
C ILE A 308 9.94 -4.94 -16.90
N GLU A 309 8.73 -5.38 -16.63
CA GLU A 309 8.40 -6.20 -15.49
C GLU A 309 7.15 -7.06 -15.86
N HIS A 310 7.13 -8.30 -15.43
CA HIS A 310 6.05 -9.23 -15.83
C HIS A 310 5.08 -9.64 -14.72
N ASP A 311 5.38 -9.27 -13.49
CA ASP A 311 4.51 -9.55 -12.33
C ASP A 311 3.04 -9.26 -12.66
N PRO A 312 2.16 -10.29 -12.61
CA PRO A 312 0.79 -9.99 -13.01
C PRO A 312 0.00 -9.34 -11.93
N VAL A 313 -1.03 -8.62 -12.35
CA VAL A 313 -2.08 -8.11 -11.44
C VAL A 313 -2.88 -9.38 -11.06
N LYS A 314 -2.76 -9.77 -9.80
CA LYS A 314 -3.40 -10.99 -9.28
C LYS A 314 -4.86 -10.69 -8.98
N PRO A 315 -5.77 -11.59 -9.37
CA PRO A 315 -7.19 -11.39 -9.11
C PRO A 315 -7.47 -11.71 -7.65
N ARG A 316 -7.34 -10.70 -6.81
CA ARG A 316 -7.56 -10.89 -5.35
C ARG A 316 -7.96 -9.55 -4.71
N GLN A 317 -9.19 -9.51 -4.21
CA GLN A 317 -9.76 -8.34 -3.63
C GLN A 317 -9.71 -8.36 -2.10
N LEU A 318 -9.67 -9.56 -1.54
CA LEU A 318 -9.76 -9.75 -0.11
C LEU A 318 -8.38 -10.05 0.47
N PRO A 319 -8.12 -9.57 1.68
CA PRO A 319 -6.90 -9.99 2.43
C PRO A 319 -6.85 -11.51 2.60
N LYS A 320 -5.67 -12.11 2.58
CA LYS A 320 -5.48 -13.57 2.78
C LYS A 320 -5.25 -13.98 4.24
N THR A 321 -5.13 -12.97 5.10
CA THR A 321 -4.88 -13.21 6.51
C THR A 321 -5.68 -12.12 7.28
N ILE A 322 -6.10 -12.48 8.49
CA ILE A 322 -6.84 -11.57 9.40
C ILE A 322 -6.12 -11.68 10.76
N GLY A 323 -5.46 -10.59 11.16
CA GLY A 323 -4.61 -10.62 12.34
C GLY A 323 -4.86 -9.48 13.27
N CYS A 324 -4.39 -9.70 14.51
CA CYS A 324 -4.63 -8.88 15.64
CA CYS A 324 -4.63 -8.82 15.66
C CYS A 324 -3.35 -8.84 16.45
N SER A 325 -2.76 -7.69 16.74
CA SER A 325 -1.55 -7.67 17.53
C SER A 325 -1.50 -6.49 18.50
N LYS A 326 -0.66 -6.66 19.51
CA LYS A 326 -0.39 -5.57 20.44
C LYS A 326 1.01 -5.60 20.95
N ASN A 327 1.68 -4.44 21.01
CA ASN A 327 3.00 -4.35 21.64
C ASN A 327 2.82 -3.91 23.08
N PHE A 328 3.79 -4.27 23.91
CA PHE A 328 3.80 -4.02 25.35
C PHE A 328 5.20 -3.49 25.68
N PRO A 329 5.44 -2.23 25.37
CA PRO A 329 6.84 -1.82 25.35
C PRO A 329 7.37 -1.49 26.73
N GLY A 330 8.69 -1.61 26.83
CA GLY A 330 9.48 -1.13 27.96
C GLY A 330 8.98 -1.79 29.20
N LYS A 331 8.47 -0.95 30.11
CA LYS A 331 8.03 -1.38 31.41
C LYS A 331 6.61 -1.92 31.37
N THR A 332 5.86 -1.73 30.29
CA THR A 332 4.52 -2.37 30.20
C THR A 332 4.57 -3.86 29.80
N ALA A 333 5.73 -4.39 29.46
CA ALA A 333 5.89 -5.82 29.09
C ALA A 333 5.21 -6.81 30.03
N LEU A 334 4.64 -7.89 29.50
CA LEU A 334 3.78 -8.77 30.28
C LEU A 334 4.62 -9.78 31.13
N ALA A 335 4.50 -9.69 32.44
CA ALA A 335 5.39 -10.39 33.40
C ALA A 335 4.66 -11.44 34.23
N THR A 336 3.37 -11.56 34.04
CA THR A 336 2.59 -12.52 34.77
C THR A 336 1.79 -13.39 33.80
N ARG A 337 1.36 -14.56 34.27
CA ARG A 337 0.67 -15.50 33.43
C ARG A 337 -0.75 -15.02 33.20
N GLU A 338 -1.38 -14.51 34.24
CA GLU A 338 -2.65 -13.82 34.15
C GLU A 338 -2.69 -12.71 33.08
N GLN A 339 -1.61 -11.95 32.98
CA GLN A 339 -1.56 -10.82 32.01
C GLN A 339 -1.57 -11.40 30.60
N VAL A 340 -0.73 -12.41 30.42
CA VAL A 340 -0.56 -13.03 29.12
C VAL A 340 -1.88 -13.58 28.62
N GLN A 341 -2.66 -14.16 29.54
CA GLN A 341 -3.94 -14.80 29.24
C GLN A 341 -5.05 -13.81 28.99
N TRP A 342 -5.04 -12.74 29.75
CA TRP A 342 -6.04 -11.72 29.57
C TRP A 342 -5.88 -11.05 28.18
N TRP A 343 -4.64 -10.70 27.84
CA TRP A 343 -4.38 -10.06 26.56
C TRP A 343 -4.55 -11.01 25.40
N LEU A 344 -4.16 -12.29 25.55
CA LEU A 344 -4.46 -13.26 24.47
C LEU A 344 -5.92 -13.30 24.24
N LEU A 345 -6.71 -13.22 25.32
CA LEU A 345 -8.13 -13.21 25.17
C LEU A 345 -8.72 -11.95 24.49
N GLN A 346 -8.16 -10.80 24.82
CA GLN A 346 -8.58 -9.59 24.14
C GLN A 346 -8.37 -9.74 22.63
N LEU A 347 -7.18 -10.16 22.25
CA LEU A 347 -6.82 -10.29 20.85
C LEU A 347 -7.78 -11.29 20.16
N ALA A 348 -7.98 -12.41 20.83
CA ALA A 348 -8.84 -13.48 20.33
C ALA A 348 -10.26 -13.06 20.15
N GLN A 349 -10.73 -12.18 21.01
CA GLN A 349 -12.06 -11.66 20.89
C GLN A 349 -12.26 -10.74 19.68
N GLU A 350 -11.28 -9.90 19.46
CA GLU A 350 -11.34 -9.00 18.28
C GLU A 350 -11.26 -9.87 17.05
N LEU A 351 -10.37 -10.82 17.08
CA LEU A 351 -10.19 -11.74 15.95
C LEU A 351 -11.46 -12.57 15.68
N GLU A 352 -12.07 -13.12 16.73
CA GLU A 352 -13.37 -13.77 16.53
C GLU A 352 -14.40 -12.90 15.83
N GLU A 353 -14.54 -11.66 16.28
CA GLU A 353 -15.52 -10.78 15.70
C GLU A 353 -15.20 -10.50 14.18
N ARG A 354 -13.95 -10.31 13.87
CA ARG A 354 -13.54 -10.04 12.48
C ARG A 354 -13.72 -11.30 11.61
N LEU A 355 -13.38 -12.44 12.18
CA LEU A 355 -13.51 -13.73 11.46
C LEU A 355 -14.97 -14.12 11.17
N THR A 356 -15.83 -13.92 12.18
CA THR A 356 -17.25 -14.17 12.00
C THR A 356 -17.87 -13.31 10.90
N LYS A 357 -17.54 -12.01 10.90
CA LYS A 357 -17.98 -11.09 9.85
C LYS A 357 -17.40 -11.53 8.49
N ASP A 358 -16.13 -11.89 8.48
CA ASP A 358 -15.48 -12.37 7.23
C ASP A 358 -16.21 -13.56 6.68
N ARG A 359 -16.55 -14.54 7.53
CA ARG A 359 -17.21 -15.77 7.07
C ARG A 359 -18.61 -15.49 6.47
N ASN A 360 -19.38 -14.63 7.12
CA ASN A 360 -20.70 -14.22 6.57
C ASN A 360 -20.60 -13.43 5.26
N ASP A 361 -19.61 -12.55 5.15
CA ASP A 361 -19.50 -11.70 3.97
C ASP A 361 -18.88 -12.44 2.82
N ASN A 362 -17.89 -13.28 3.08
CA ASN A 362 -17.00 -13.74 2.02
C ASN A 362 -17.01 -15.21 1.81
N ASP A 363 -17.87 -15.97 2.48
CA ASP A 363 -17.99 -17.41 2.22
C ASP A 363 -16.71 -18.14 2.26
N ARG A 364 -15.99 -17.97 3.37
CA ARG A 364 -14.77 -18.71 3.61
C ARG A 364 -14.54 -18.81 5.08
N VAL A 365 -13.73 -19.76 5.49
CA VAL A 365 -13.30 -19.96 6.86
C VAL A 365 -11.79 -20.09 6.93
N ALA A 366 -11.21 -19.46 7.93
CA ALA A 366 -9.80 -19.66 8.18
C ALA A 366 -9.53 -21.06 8.85
N THR A 367 -8.38 -21.65 8.57
CA THR A 367 -8.09 -22.98 9.14
C THR A 367 -6.87 -23.11 9.96
N GLN A 368 -6.02 -22.09 9.98
CA GLN A 368 -4.83 -22.15 10.75
C GLN A 368 -4.74 -20.84 11.62
N LEU A 369 -4.30 -21.01 12.84
CA LEU A 369 -4.01 -19.87 13.76
C LEU A 369 -2.51 -19.82 13.95
N VAL A 370 -1.92 -18.67 13.67
CA VAL A 370 -0.53 -18.45 13.86
C VAL A 370 -0.39 -17.56 15.11
N VAL A 371 0.49 -17.93 16.02
CA VAL A 371 0.69 -17.19 17.31
C VAL A 371 2.12 -16.74 17.33
N SER A 372 2.32 -15.44 17.51
CA SER A 372 3.64 -14.86 17.43
C SER A 372 3.85 -14.00 18.66
N ILE A 373 5.06 -14.05 19.18
CA ILE A 373 5.40 -13.28 20.38
C ILE A 373 6.76 -12.67 20.25
N ARG A 374 6.97 -11.66 21.10
CA ARG A 374 8.29 -11.06 21.31
C ARG A 374 8.55 -11.07 22.83
N VAL A 375 9.80 -11.44 23.17
CA VAL A 375 10.26 -11.46 24.56
C VAL A 375 11.18 -10.27 24.78
N GLN A 376 11.14 -9.71 25.97
CA GLN A 376 12.01 -8.53 26.22
C GLN A 376 13.46 -8.86 25.94
N GLY A 377 14.17 -8.03 25.18
CA GLY A 377 15.60 -8.20 24.94
C GLY A 377 16.02 -8.67 23.56
N ASP A 378 15.11 -9.35 22.84
CA ASP A 378 15.34 -9.70 21.43
C ASP A 378 15.05 -8.44 20.62
N LYS A 379 15.86 -8.15 19.59
CA LYS A 379 15.66 -6.96 18.74
C LYS A 379 15.16 -7.29 17.31
N ARG A 380 14.44 -8.41 17.19
CA ARG A 380 13.70 -8.79 15.98
C ARG A 380 12.19 -8.64 16.21
N LEU A 381 11.47 -8.07 15.24
CA LEU A 381 10.01 -7.92 15.29
C LEU A 381 9.32 -9.13 15.94
N SER A 382 9.57 -10.32 15.39
CA SER A 382 9.11 -11.59 15.99
C SER A 382 10.28 -12.38 16.52
N SER A 383 10.06 -12.97 17.71
CA SER A 383 10.99 -13.86 18.36
C SER A 383 10.62 -15.31 18.09
N LEU A 384 9.33 -15.57 17.85
CA LEU A 384 8.80 -16.92 17.88
C LEU A 384 7.38 -16.98 17.30
N ARG A 385 7.14 -17.96 16.44
CA ARG A 385 5.94 -18.04 15.69
C ARG A 385 5.62 -19.53 15.68
N ARG A 386 4.41 -19.85 16.09
CA ARG A 386 3.97 -21.22 16.19
C ARG A 386 2.56 -21.28 15.61
N CYS A 387 2.24 -22.30 14.85
CA CYS A 387 0.91 -22.43 14.29
C CYS A 387 0.13 -23.53 14.99
N CYS A 388 -1.18 -23.44 14.99
CA CYS A 388 -2.03 -24.57 15.38
C CYS A 388 -3.30 -24.54 14.55
N ALA A 389 -4.14 -25.57 14.76
CA ALA A 389 -5.37 -25.65 13.97
C ALA A 389 -6.35 -24.64 14.46
N LEU A 390 -7.06 -24.04 13.52
CA LEU A 390 -8.11 -23.13 13.85
C LEU A 390 -9.38 -23.84 13.42
N THR A 391 -10.09 -24.41 14.38
CA THR A 391 -11.23 -25.28 14.07
C THR A 391 -12.57 -24.72 14.46
N ARG A 392 -12.61 -23.70 15.32
CA ARG A 392 -13.82 -23.07 15.77
C ARG A 392 -13.54 -21.57 15.97
N TYR A 393 -14.46 -20.72 15.54
CA TYR A 393 -14.39 -19.27 15.74
C TYR A 393 -14.90 -19.00 17.15
N ASP A 394 -14.02 -19.31 18.10
CA ASP A 394 -14.29 -19.13 19.50
C ASP A 394 -13.11 -18.54 20.22
N ALA A 395 -13.32 -17.36 20.78
CA ALA A 395 -12.25 -16.58 21.37
C ALA A 395 -11.58 -17.32 22.55
N HIS A 396 -12.36 -18.00 23.40
CA HIS A 396 -11.76 -18.71 24.54
C HIS A 396 -10.96 -19.87 24.05
N LYS A 397 -11.50 -20.60 23.07
CA LYS A 397 -10.68 -21.66 22.42
C LYS A 397 -9.42 -21.15 21.74
N MET A 398 -9.56 -20.09 20.94
CA MET A 398 -8.39 -19.55 20.27
C MET A 398 -7.32 -19.09 21.26
N SER A 399 -7.76 -18.40 22.31
CA SER A 399 -6.83 -17.85 23.32
C SER A 399 -6.22 -18.96 24.16
N HIS A 400 -7.02 -19.95 24.49
CA HIS A 400 -6.45 -21.15 25.18
C HIS A 400 -5.42 -21.85 24.28
N ASP A 401 -5.70 -22.04 22.99
CA ASP A 401 -4.75 -22.75 22.11
C ASP A 401 -3.46 -22.01 21.93
N ALA A 402 -3.57 -20.67 21.80
CA ALA A 402 -2.41 -19.81 21.65
C ALA A 402 -1.49 -19.93 22.81
N PHE A 403 -2.08 -19.96 23.99
CA PHE A 403 -1.33 -20.06 25.20
C PHE A 403 -0.65 -21.42 25.23
N THR A 404 -1.39 -22.47 24.95
CA THR A 404 -0.80 -23.80 24.82
C THR A 404 0.42 -23.87 23.91
N VAL A 405 0.41 -23.24 22.73
CA VAL A 405 1.56 -23.37 21.86
C VAL A 405 2.75 -22.49 22.20
N ILE A 406 2.56 -21.47 23.05
CA ILE A 406 3.66 -20.60 23.50
C ILE A 406 4.11 -20.79 24.96
N LYS A 407 3.32 -21.46 25.80
CA LYS A 407 3.67 -21.55 27.22
C LYS A 407 5.10 -22.04 27.63
N ASN A 408 5.69 -22.95 26.86
CA ASN A 408 7.08 -23.39 27.13
C ASN A 408 8.16 -22.32 26.81
N CYS A 409 7.75 -21.14 26.32
CA CYS A 409 8.69 -20.03 26.18
C CYS A 409 9.02 -19.45 27.53
N ASN A 410 8.07 -19.57 28.45
CA ASN A 410 8.23 -19.13 29.79
C ASN A 410 9.40 -19.83 30.58
N THR A 411 10.59 -19.21 30.57
CA THR A 411 11.78 -19.72 31.29
C THR A 411 11.72 -19.60 32.79
N SER A 412 10.70 -18.94 33.34
CA SER A 412 10.47 -18.87 34.78
C SER A 412 10.35 -20.24 35.41
N GLY A 413 10.95 -20.39 36.59
CA GLY A 413 10.66 -21.51 37.49
C GLY A 413 9.34 -21.28 38.22
N ILE A 414 9.21 -20.11 38.84
CA ILE A 414 7.98 -19.69 39.53
C ILE A 414 6.80 -19.83 38.57
N GLN A 415 5.69 -20.37 39.07
CA GLN A 415 4.53 -20.77 38.24
C GLN A 415 3.88 -19.60 37.51
N THR A 416 3.56 -18.57 38.30
CA THR A 416 2.67 -17.50 37.88
C THR A 416 3.38 -16.29 37.24
N GLU A 417 4.69 -16.36 37.05
CA GLU A 417 5.45 -15.32 36.37
C GLU A 417 5.77 -15.72 34.94
N TRP A 418 6.07 -14.70 34.15
CA TRP A 418 6.49 -14.91 32.81
C TRP A 418 7.85 -14.30 32.58
N SER A 419 8.82 -15.15 32.22
CA SER A 419 10.16 -14.69 31.98
C SER A 419 10.65 -15.30 30.68
N PRO A 420 11.36 -14.50 29.84
CA PRO A 420 11.46 -13.03 29.97
C PRO A 420 10.08 -12.43 29.71
N PRO A 421 9.80 -11.20 30.18
CA PRO A 421 8.46 -10.66 29.92
C PRO A 421 8.20 -10.46 28.43
N LEU A 422 6.93 -10.48 28.05
CA LEU A 422 6.51 -10.43 26.64
C LEU A 422 6.28 -9.00 26.13
N THR A 423 6.96 -8.61 25.07
CA THR A 423 6.84 -7.27 24.51
C THR A 423 5.86 -7.18 23.29
N MET A 424 5.33 -8.31 22.85
CA MET A 424 4.38 -8.33 21.72
CA MET A 424 4.38 -8.35 21.73
C MET A 424 3.62 -9.67 21.74
N LEU A 425 2.31 -9.61 21.45
CA LEU A 425 1.47 -10.74 21.20
C LEU A 425 0.80 -10.50 19.81
N PHE A 426 0.64 -11.54 19.01
CA PHE A 426 0.08 -11.45 17.65
C PHE A 426 -0.67 -12.76 17.35
N LEU A 427 -1.93 -12.63 16.98
CA LEU A 427 -2.75 -13.79 16.55
C LEU A 427 -3.11 -13.50 15.14
N CYS A 428 -2.94 -14.48 14.24
CA CYS A 428 -3.22 -14.29 12.83
C CYS A 428 -3.96 -15.56 12.29
N ALA A 429 -5.15 -15.32 11.76
CA ALA A 429 -5.92 -16.37 11.12
C ALA A 429 -5.50 -16.45 9.63
N THR A 430 -5.25 -17.67 9.20
CA THR A 430 -4.67 -17.86 7.85
C THR A 430 -5.25 -19.15 7.21
N LYS A 431 -4.82 -19.45 5.99
CA LYS A 431 -5.22 -20.71 5.27
C LYS A 431 -6.77 -20.82 5.11
N PHE A 432 -7.30 -19.85 4.42
CA PHE A 432 -8.73 -19.81 4.19
C PHE A 432 -9.14 -20.90 3.25
N SER A 433 -10.31 -21.50 3.51
CA SER A 433 -11.04 -22.39 2.57
C SER A 433 -12.47 -21.96 2.35
N ALA A 434 -13.03 -22.34 1.21
CA ALA A 434 -14.39 -21.94 0.86
C ALA A 434 -15.37 -22.55 1.86
N SER A 435 -16.45 -21.84 2.18
CA SER A 435 -17.45 -22.29 3.15
C SER A 435 -18.88 -21.96 2.66
#